data_8QIX
#
_entry.id   8QIX
#
_cell.length_a   75.443
_cell.length_b   124.053
_cell.length_c   118.267
_cell.angle_alpha   90.00
_cell.angle_beta   90.00
_cell.angle_gamma   90.00
#
_symmetry.space_group_name_H-M   'C 2 2 21'
#
loop_
_entity.id
_entity.type
_entity.pdbx_description
1 polymer 'Phosphopantetheine adenylyltransferase'
2 non-polymer 3-(3-methylindol-1-yl)-~{N}-(4-phenoxyphenyl)sulfonyl-propanamide
3 water water
#
_entity_poly.entity_id   1
_entity_poly.type   'polypeptide(L)'
_entity_poly.pdbx_seq_one_letter_code
;SMTGAVCPGSFDPVTLGHLDVFERAAAQFDEVIVAVLINPNKAGMFTVDERIEMIRESTADLPNLRVESGQGLLVDFVRE
RGLNAIVKGLRTGTDFEYELQMAQMNKHIAGVDTFFVATAPAYSFVSSSLAKEVATYGGDVSALLPASVHQRLLGKLRGQ
AQ
;
_entity_poly.pdbx_strand_id   A,B,C
#
loop_
_chem_comp.id
_chem_comp.type
_chem_comp.name
_chem_comp.formula
VJ7 non-polymer 3-(3-methylindol-1-yl)-~{N}-(4-phenoxyphenyl)sulfonyl-propanamide 'C24 H22 N2 O4 S'
#
# COMPACT_ATOMS: atom_id res chain seq x y z
N MET A 2 29.68 -24.17 -0.69
CA MET A 2 28.50 -24.85 -0.16
C MET A 2 27.46 -23.87 0.41
N THR A 3 27.89 -22.65 0.74
CA THR A 3 26.93 -21.61 1.13
C THR A 3 26.11 -21.20 -0.09
N GLY A 4 24.92 -20.68 0.13
CA GLY A 4 24.07 -20.30 -0.98
C GLY A 4 22.88 -19.47 -0.58
N ALA A 5 22.39 -18.67 -1.52
CA ALA A 5 21.21 -17.86 -1.24
C ALA A 5 20.33 -17.77 -2.46
N VAL A 6 19.05 -17.50 -2.22
CA VAL A 6 18.11 -17.31 -3.30
C VAL A 6 17.71 -15.86 -3.38
N CYS A 7 17.74 -15.30 -4.59
CA CYS A 7 17.30 -13.92 -4.82
C CYS A 7 15.97 -13.97 -5.57
N PRO A 8 14.87 -13.71 -4.85
CA PRO A 8 13.54 -13.87 -5.42
C PRO A 8 12.96 -12.58 -5.97
N GLY A 9 12.03 -12.73 -6.92
CA GLY A 9 11.26 -11.62 -7.41
C GLY A 9 10.48 -12.05 -8.64
N SER A 10 9.64 -11.16 -9.15
CA SER A 10 8.93 -11.45 -10.38
CA SER A 10 8.91 -11.39 -10.39
C SER A 10 9.78 -11.04 -11.59
N PHE A 11 10.67 -10.07 -11.38
CA PHE A 11 11.63 -9.61 -12.40
C PHE A 11 10.98 -9.41 -13.76
N ASP A 12 9.99 -8.52 -13.78
CA ASP A 12 9.15 -8.33 -14.95
C ASP A 12 9.12 -6.86 -15.38
N PRO A 13 10.27 -6.33 -15.85
CA PRO A 13 11.56 -6.98 -16.08
C PRO A 13 12.56 -6.75 -14.95
N VAL A 14 13.64 -7.52 -14.96
CA VAL A 14 14.80 -7.24 -14.12
C VAL A 14 15.29 -5.78 -14.34
N THR A 15 15.70 -5.14 -13.27
CA THR A 15 16.23 -3.76 -13.31
C THR A 15 17.70 -3.75 -12.86
N LEU A 16 18.36 -2.61 -12.98
CA LEU A 16 19.72 -2.52 -12.50
C LEU A 16 19.78 -2.56 -10.97
N GLY A 17 18.68 -2.22 -10.32
CA GLY A 17 18.55 -2.39 -8.89
C GLY A 17 18.62 -3.86 -8.50
N HIS A 18 17.92 -4.69 -9.26
CA HIS A 18 17.99 -6.13 -9.05
C HIS A 18 19.40 -6.65 -9.31
N LEU A 19 19.99 -6.21 -10.42
CA LEU A 19 21.31 -6.70 -10.81
C LEU A 19 22.36 -6.36 -9.76
N ASP A 20 22.25 -5.16 -9.19
CA ASP A 20 23.14 -4.77 -8.10
C ASP A 20 23.07 -5.80 -6.97
N VAL A 21 21.85 -6.14 -6.55
CA VAL A 21 21.66 -7.10 -5.47
C VAL A 21 22.19 -8.49 -5.86
N PHE A 22 21.93 -8.91 -7.09
CA PHE A 22 22.48 -10.20 -7.57
C PHE A 22 24.00 -10.24 -7.42
N GLU A 23 24.65 -9.14 -7.79
CA GLU A 23 26.11 -9.08 -7.81
C GLU A 23 26.65 -9.17 -6.40
N ARG A 24 25.96 -8.52 -5.47
CA ARG A 24 26.39 -8.53 -4.10
C ARG A 24 26.16 -9.90 -3.47
N ALA A 25 25.04 -10.53 -3.80
CA ALA A 25 24.80 -11.88 -3.32
C ALA A 25 25.85 -12.83 -3.91
N ALA A 26 26.12 -12.72 -5.22
CA ALA A 26 27.10 -13.62 -5.86
C ALA A 26 28.51 -13.44 -5.28
N ALA A 27 28.79 -12.24 -4.76
CA ALA A 27 30.11 -11.96 -4.21
C ALA A 27 30.25 -12.50 -2.79
N GLN A 28 29.12 -12.74 -2.11
CA GLN A 28 29.14 -13.12 -0.70
C GLN A 28 28.70 -14.55 -0.40
N PHE A 29 28.09 -15.22 -1.37
CA PHE A 29 27.66 -16.61 -1.20
C PHE A 29 28.28 -17.48 -2.30
N ASP A 30 28.54 -18.75 -2.01
CA ASP A 30 29.18 -19.61 -3.00
C ASP A 30 28.32 -19.76 -4.24
N GLU A 31 27.01 -19.94 -4.04
CA GLU A 31 26.09 -19.99 -5.16
C GLU A 31 24.88 -19.11 -4.92
N VAL A 32 24.33 -18.58 -6.00
CA VAL A 32 23.14 -17.78 -5.92
C VAL A 32 22.16 -18.27 -6.94
N ILE A 33 20.91 -18.42 -6.53
CA ILE A 33 19.88 -18.75 -7.50
C ILE A 33 18.90 -17.60 -7.53
N VAL A 34 18.74 -17.01 -8.71
CA VAL A 34 17.69 -16.03 -8.93
C VAL A 34 16.39 -16.79 -9.16
N ALA A 35 15.41 -16.57 -8.29
CA ALA A 35 14.15 -17.29 -8.37
C ALA A 35 13.13 -16.39 -9.02
N VAL A 36 12.75 -16.74 -10.24
CA VAL A 36 11.77 -15.94 -10.95
C VAL A 36 10.40 -16.49 -10.59
N LEU A 37 9.73 -15.81 -9.67
CA LEU A 37 8.47 -16.33 -9.15
C LEU A 37 7.32 -15.87 -10.01
N ILE A 38 6.53 -16.84 -10.42
CA ILE A 38 5.48 -16.64 -11.42
C ILE A 38 4.13 -16.84 -10.77
N ASN A 39 3.21 -15.91 -10.98
CA ASN A 39 1.82 -16.13 -10.59
C ASN A 39 1.10 -16.73 -11.78
N PRO A 40 0.66 -17.99 -11.65
CA PRO A 40 0.04 -18.67 -12.80
C PRO A 40 -1.29 -18.05 -13.17
N ASN A 41 -1.81 -17.19 -12.30
CA ASN A 41 -3.11 -16.56 -12.53
C ASN A 41 -3.02 -15.08 -12.92
N LYS A 42 -1.83 -14.62 -13.29
CA LYS A 42 -1.70 -13.30 -13.86
C LYS A 42 -0.43 -13.18 -14.70
N ALA A 43 -0.62 -13.03 -16.00
CA ALA A 43 0.49 -12.81 -16.89
C ALA A 43 1.05 -11.42 -16.61
N GLY A 44 2.37 -11.30 -16.62
CA GLY A 44 2.97 -9.99 -16.48
C GLY A 44 3.21 -9.48 -17.87
N MET A 45 4.11 -8.53 -18.00
CA MET A 45 4.47 -8.04 -19.31
C MET A 45 5.29 -9.07 -20.09
N PHE A 46 6.22 -9.73 -19.41
CA PHE A 46 7.13 -10.69 -20.05
C PHE A 46 6.79 -12.11 -19.64
N THR A 47 6.90 -13.03 -20.60
CA THR A 47 6.76 -14.45 -20.30
C THR A 47 7.90 -14.91 -19.41
N VAL A 48 7.77 -16.08 -18.80
CA VAL A 48 8.86 -16.57 -17.96
C VAL A 48 10.17 -16.71 -18.73
N ASP A 49 10.10 -17.25 -19.95
CA ASP A 49 11.34 -17.44 -20.70
C ASP A 49 12.01 -16.12 -21.04
N GLU A 50 11.21 -15.09 -21.36
CA GLU A 50 11.75 -13.76 -21.60
C GLU A 50 12.41 -13.18 -20.37
N ARG A 51 11.77 -13.34 -19.20
CA ARG A 51 12.33 -12.79 -17.96
C ARG A 51 13.66 -13.44 -17.66
N ILE A 52 13.71 -14.75 -17.82
CA ILE A 52 14.93 -15.49 -17.54
C ILE A 52 16.02 -15.11 -18.52
N GLU A 53 15.67 -14.96 -19.80
CA GLU A 53 16.67 -14.62 -20.78
C GLU A 53 17.26 -13.24 -20.49
N MET A 54 16.42 -12.29 -20.09
CA MET A 54 16.93 -10.95 -19.78
C MET A 54 17.86 -10.98 -18.57
N ILE A 55 17.55 -11.82 -17.60
CA ILE A 55 18.40 -11.94 -16.43
C ILE A 55 19.72 -12.61 -16.79
N ARG A 56 19.66 -13.69 -17.57
CA ARG A 56 20.89 -14.41 -17.92
C ARG A 56 21.85 -13.52 -18.70
N GLU A 57 21.30 -12.74 -19.62
CA GLU A 57 22.12 -11.89 -20.45
C GLU A 57 22.83 -10.81 -19.64
N SER A 58 22.21 -10.35 -18.56
CA SER A 58 22.86 -9.32 -17.77
C SER A 58 23.63 -9.87 -16.56
N THR A 59 23.69 -11.19 -16.42
CA THR A 59 24.45 -11.79 -15.32
C THR A 59 25.52 -12.75 -15.82
N ALA A 60 25.86 -12.64 -17.10
CA ALA A 60 26.79 -13.60 -17.71
C ALA A 60 28.16 -13.56 -17.06
N ASP A 61 28.49 -12.42 -16.44
CA ASP A 61 29.76 -12.24 -15.74
C ASP A 61 29.73 -12.77 -14.30
N LEU A 62 28.62 -13.41 -13.91
CA LEU A 62 28.54 -14.00 -12.57
C LEU A 62 28.46 -15.54 -12.67
N PRO A 63 29.63 -16.19 -12.59
CA PRO A 63 29.71 -17.64 -12.86
C PRO A 63 28.97 -18.49 -11.82
N ASN A 64 28.76 -17.96 -10.62
CA ASN A 64 28.15 -18.73 -9.56
C ASN A 64 26.68 -18.42 -9.38
N LEU A 65 26.10 -17.72 -10.35
CA LEU A 65 24.68 -17.38 -10.31
C LEU A 65 23.94 -18.18 -11.37
N ARG A 66 22.79 -18.74 -11.01
CA ARG A 66 21.94 -19.36 -11.99
C ARG A 66 20.51 -18.89 -11.79
N VAL A 67 19.68 -19.12 -12.79
CA VAL A 67 18.34 -18.53 -12.81
C VAL A 67 17.30 -19.61 -13.04
N GLU A 68 16.30 -19.66 -12.17
CA GLU A 68 15.23 -20.67 -12.30
C GLU A 68 13.91 -20.04 -11.94
N SER A 69 12.84 -20.49 -12.59
CA SER A 69 11.51 -20.02 -12.23
C SER A 69 10.84 -20.94 -11.22
N GLY A 70 9.79 -20.44 -10.60
CA GLY A 70 9.03 -21.23 -9.65
C GLY A 70 7.73 -20.53 -9.33
N GLN A 71 6.92 -21.18 -8.51
CA GLN A 71 5.67 -20.61 -8.03
C GLN A 71 5.37 -21.22 -6.68
N GLY A 72 4.33 -20.73 -6.01
CA GLY A 72 4.00 -21.25 -4.70
C GLY A 72 4.91 -20.63 -3.66
N LEU A 73 5.16 -21.35 -2.57
CA LEU A 73 5.93 -20.81 -1.45
C LEU A 73 7.40 -20.67 -1.79
N LEU A 74 7.91 -19.45 -1.65
CA LEU A 74 9.34 -19.23 -1.83
C LEU A 74 10.17 -20.18 -0.97
N VAL A 75 9.78 -20.39 0.29
CA VAL A 75 10.62 -21.22 1.16
C VAL A 75 10.71 -22.67 0.63
N ASP A 76 9.71 -23.12 -0.11
CA ASP A 76 9.81 -24.48 -0.70
C ASP A 76 10.85 -24.48 -1.81
N PHE A 77 10.85 -23.43 -2.61
CA PHE A 77 11.84 -23.26 -3.67
C PHE A 77 13.23 -23.29 -3.06
N VAL A 78 13.39 -22.56 -1.97
CA VAL A 78 14.69 -22.47 -1.33
C VAL A 78 15.12 -23.82 -0.72
N ARG A 79 14.24 -24.43 0.05
CA ARG A 79 14.61 -25.66 0.76
C ARG A 79 14.84 -26.82 -0.22
N GLU A 80 14.07 -26.85 -1.31
CA GLU A 80 14.19 -27.94 -2.28
C GLU A 80 15.55 -27.94 -2.98
N ARG A 81 16.26 -26.84 -2.85
CA ARG A 81 17.59 -26.71 -3.43
C ARG A 81 18.66 -26.84 -2.37
N GLY A 82 18.25 -27.27 -1.19
CA GLY A 82 19.16 -27.53 -0.09
C GLY A 82 19.69 -26.26 0.54
N LEU A 83 19.02 -25.14 0.28
CA LEU A 83 19.46 -23.86 0.82
C LEU A 83 18.55 -23.38 1.94
N ASN A 84 18.99 -22.32 2.60
CA ASN A 84 18.28 -21.84 3.76
C ASN A 84 18.30 -20.32 3.87
N ALA A 85 18.65 -19.63 2.78
CA ALA A 85 18.79 -18.17 2.84
C ALA A 85 18.16 -17.49 1.64
N ILE A 86 17.53 -16.36 1.90
CA ILE A 86 16.98 -15.46 0.90
C ILE A 86 17.77 -14.16 0.98
N VAL A 87 18.13 -13.60 -0.15
CA VAL A 87 18.70 -12.25 -0.15
C VAL A 87 17.73 -11.38 -0.92
N LYS A 88 17.25 -10.32 -0.27
CA LYS A 88 16.23 -9.46 -0.85
C LYS A 88 16.74 -8.03 -0.83
N GLY A 89 16.59 -7.35 -1.95
CA GLY A 89 17.05 -5.99 -2.08
C GLY A 89 16.08 -5.01 -1.44
N LEU A 90 16.61 -3.89 -0.94
CA LEU A 90 15.81 -2.77 -0.47
C LEU A 90 16.02 -1.57 -1.36
N ARG A 91 14.94 -0.88 -1.68
CA ARG A 91 15.03 0.32 -2.52
C ARG A 91 14.08 1.35 -1.97
N THR A 92 14.14 2.55 -2.54
CA THR A 92 13.16 3.56 -2.18
C THR A 92 11.80 3.11 -2.66
N GLY A 93 10.84 3.04 -1.74
CA GLY A 93 9.50 2.61 -2.08
C GLY A 93 9.21 1.18 -1.68
N THR A 94 10.25 0.49 -1.19
CA THR A 94 10.07 -0.86 -0.67
C THR A 94 9.13 -0.84 0.52
N ASP A 95 8.15 -1.75 0.52
CA ASP A 95 7.30 -1.91 1.69
C ASP A 95 8.05 -2.77 2.69
N PHE A 96 8.87 -2.14 3.52
CA PHE A 96 9.75 -2.95 4.37
C PHE A 96 8.99 -3.71 5.46
N GLU A 97 7.93 -3.12 5.98
CA GLU A 97 7.13 -3.79 7.00
C GLU A 97 6.56 -5.07 6.45
N TYR A 98 6.13 -5.05 5.20
CA TYR A 98 5.61 -6.28 4.60
C TYR A 98 6.73 -7.27 4.38
N GLU A 99 7.90 -6.80 3.95
CA GLU A 99 9.06 -7.68 3.80
C GLU A 99 9.43 -8.30 5.14
N LEU A 100 9.36 -7.52 6.20
CA LEU A 100 9.70 -8.03 7.52
C LEU A 100 8.70 -9.11 7.92
N GLN A 101 7.42 -8.84 7.66
CA GLN A 101 6.36 -9.78 7.97
C GLN A 101 6.60 -11.11 7.26
N MET A 102 6.91 -11.04 5.97
CA MET A 102 7.16 -12.27 5.22
C MET A 102 8.44 -12.96 5.70
N ALA A 103 9.45 -12.18 6.07
CA ALA A 103 10.70 -12.79 6.55
C ALA A 103 10.44 -13.56 7.86
N GLN A 104 9.63 -12.98 8.75
CA GLN A 104 9.38 -13.64 10.02
C GLN A 104 8.50 -14.87 9.78
N MET A 105 7.54 -14.74 8.89
CA MET A 105 6.71 -15.89 8.53
C MET A 105 7.55 -17.01 7.89
N ASN A 106 8.45 -16.65 7.00
CA ASN A 106 9.27 -17.64 6.28
C ASN A 106 10.23 -18.35 7.22
N LYS A 107 10.76 -17.63 8.20
CA LYS A 107 11.59 -18.26 9.23
C LYS A 107 10.73 -19.22 10.07
N HIS A 108 9.52 -18.78 10.39
CA HIS A 108 8.63 -19.58 11.22
C HIS A 108 8.24 -20.89 10.58
N ILE A 109 7.81 -20.83 9.32
CA ILE A 109 7.30 -22.05 8.68
C ILE A 109 8.38 -22.96 8.08
N ALA A 110 9.57 -22.42 7.84
CA ALA A 110 10.57 -23.23 7.11
C ALA A 110 12.00 -23.06 7.59
N GLY A 111 12.21 -22.23 8.60
CA GLY A 111 13.55 -22.02 9.13
C GLY A 111 14.49 -21.29 8.17
N VAL A 112 13.93 -20.64 7.16
CA VAL A 112 14.73 -19.94 6.16
C VAL A 112 15.03 -18.51 6.62
N ASP A 113 16.28 -18.08 6.49
CA ASP A 113 16.68 -16.73 6.87
C ASP A 113 16.58 -15.78 5.72
N THR A 114 16.25 -14.53 6.00
CA THR A 114 16.20 -13.50 4.98
C THR A 114 17.21 -12.40 5.31
N PHE A 115 18.10 -12.15 4.36
CA PHE A 115 19.10 -11.09 4.46
C PHE A 115 18.71 -9.96 3.54
N PHE A 116 18.58 -8.77 4.10
CA PHE A 116 18.24 -7.61 3.31
C PHE A 116 19.47 -6.79 2.97
N VAL A 117 19.54 -6.29 1.74
CA VAL A 117 20.65 -5.41 1.39
C VAL A 117 20.09 -4.23 0.61
N ALA A 118 20.57 -3.04 0.95
CA ALA A 118 20.12 -1.84 0.24
C ALA A 118 20.80 -1.78 -1.12
N THR A 119 20.01 -1.59 -2.17
CA THR A 119 20.61 -1.44 -3.47
C THR A 119 21.31 -0.08 -3.55
N ALA A 120 22.20 0.05 -4.51
CA ALA A 120 23.00 1.26 -4.70
C ALA A 120 22.10 2.48 -4.89
N PRO A 121 22.52 3.63 -4.37
CA PRO A 121 21.69 4.84 -4.52
C PRO A 121 21.26 5.11 -5.97
N ALA A 122 22.18 4.96 -6.93
CA ALA A 122 21.86 5.20 -8.33
C ALA A 122 20.67 4.37 -8.83
N TYR A 123 20.49 3.20 -8.25
CA TYR A 123 19.43 2.29 -8.68
C TYR A 123 18.32 2.19 -7.65
N SER A 124 18.33 3.08 -6.67
CA SER A 124 17.44 2.96 -5.52
C SER A 124 15.99 3.39 -5.78
N PHE A 125 15.71 4.03 -6.91
CA PHE A 125 14.34 4.49 -7.16
C PHE A 125 13.68 3.78 -8.34
N VAL A 126 14.42 2.90 -9.00
CA VAL A 126 13.82 2.11 -10.08
C VAL A 126 13.09 0.92 -9.46
N SER A 127 11.94 0.60 -10.02
CA SER A 127 11.25 -0.66 -9.74
C SER A 127 10.72 -1.16 -11.07
N SER A 128 10.42 -2.45 -11.16
CA SER A 128 9.90 -2.99 -12.41
C SER A 128 8.63 -2.26 -12.79
N SER A 129 7.76 -2.09 -11.81
CA SER A 129 6.47 -1.45 -12.06
CA SER A 129 6.47 -1.45 -12.06
C SER A 129 6.62 0.02 -12.45
N LEU A 130 7.44 0.77 -11.74
CA LEU A 130 7.59 2.19 -12.08
C LEU A 130 8.31 2.37 -13.43
N ALA A 131 9.25 1.49 -13.75
CA ALA A 131 9.96 1.57 -15.01
C ALA A 131 8.99 1.30 -16.15
N LYS A 132 8.13 0.31 -15.97
CA LYS A 132 7.11 0.03 -16.97
C LYS A 132 6.15 1.21 -17.12
N GLU A 133 5.69 1.78 -16.01
CA GLU A 133 4.76 2.90 -16.07
C GLU A 133 5.37 4.10 -16.74
N VAL A 134 6.61 4.42 -16.37
CA VAL A 134 7.28 5.57 -16.96
C VAL A 134 7.54 5.38 -18.44
N ALA A 135 8.04 4.20 -18.81
CA ALA A 135 8.32 3.91 -20.22
C ALA A 135 7.03 3.91 -21.05
N THR A 136 5.92 3.55 -20.41
CA THR A 136 4.63 3.50 -21.09
C THR A 136 4.27 4.86 -21.64
N TYR A 137 4.65 5.91 -20.91
CA TYR A 137 4.32 7.25 -21.32
C TYR A 137 5.52 8.01 -21.83
N GLY A 138 6.52 7.28 -22.32
CA GLY A 138 7.64 7.87 -23.03
C GLY A 138 8.86 8.26 -22.22
N GLY A 139 8.80 8.09 -20.91
CA GLY A 139 9.91 8.48 -20.06
C GLY A 139 11.14 7.64 -20.30
N ASP A 140 12.31 8.27 -20.19
CA ASP A 140 13.57 7.60 -20.48
C ASP A 140 14.12 6.86 -19.27
N VAL A 141 13.96 5.55 -19.27
CA VAL A 141 14.44 4.72 -18.17
C VAL A 141 15.64 3.87 -18.60
N SER A 142 16.25 4.24 -19.73
CA SER A 142 17.35 3.46 -20.28
C SER A 142 18.53 3.30 -19.32
N ALA A 143 18.79 4.30 -18.48
CA ALA A 143 19.91 4.21 -17.54
C ALA A 143 19.61 3.35 -16.30
N LEU A 144 18.37 2.86 -16.19
CA LEU A 144 17.98 2.13 -14.97
C LEU A 144 17.76 0.65 -15.23
N LEU A 145 17.91 0.26 -16.48
CA LEU A 145 17.68 -1.11 -16.90
C LEU A 145 18.89 -1.62 -17.66
N PRO A 146 19.18 -2.92 -17.55
CA PRO A 146 20.25 -3.51 -18.37
C PRO A 146 19.87 -3.51 -19.85
N ALA A 147 20.88 -3.53 -20.71
CA ALA A 147 20.67 -3.52 -22.15
C ALA A 147 19.79 -4.68 -22.60
N SER A 148 19.83 -5.76 -21.85
CA SER A 148 19.06 -6.95 -22.20
C SER A 148 17.56 -6.66 -22.08
N VAL A 149 17.22 -5.55 -21.45
CA VAL A 149 15.84 -5.26 -21.11
C VAL A 149 15.25 -4.10 -21.90
N HIS A 150 16.04 -3.02 -22.05
CA HIS A 150 15.45 -1.74 -22.40
C HIS A 150 14.65 -1.76 -23.70
N GLN A 151 15.26 -2.23 -24.76
CA GLN A 151 14.57 -2.20 -26.05
C GLN A 151 13.50 -3.30 -26.14
N ARG A 152 13.69 -4.40 -25.42
CA ARG A 152 12.64 -5.41 -25.34
C ARG A 152 11.41 -4.83 -24.66
N LEU A 153 11.65 -4.01 -23.63
CA LEU A 153 10.57 -3.28 -22.98
C LEU A 153 9.84 -2.36 -23.94
N LEU A 154 10.60 -1.56 -24.69
CA LEU A 154 9.98 -0.64 -25.63
C LEU A 154 9.16 -1.43 -26.66
N GLY A 155 9.72 -2.57 -27.08
CA GLY A 155 9.04 -3.49 -27.99
C GLY A 155 7.68 -3.93 -27.49
N LYS A 156 7.61 -4.41 -26.25
CA LYS A 156 6.35 -4.80 -25.64
C LYS A 156 5.36 -3.66 -25.63
N LEU A 157 5.84 -2.46 -25.32
CA LEU A 157 4.95 -1.31 -25.20
C LEU A 157 4.42 -0.87 -26.56
N ARG A 158 5.19 -1.11 -27.61
CA ARG A 158 4.75 -0.73 -28.95
C ARG A 158 4.13 -1.90 -29.70
N MET B 2 10.82 34.71 -13.41
CA MET B 2 9.52 34.06 -13.34
C MET B 2 9.61 32.62 -12.83
N THR B 3 9.09 32.38 -11.63
CA THR B 3 9.15 31.06 -11.01
C THR B 3 7.80 30.36 -11.17
N GLY B 4 7.77 29.06 -10.99
CA GLY B 4 6.49 28.38 -11.12
C GLY B 4 6.54 26.93 -10.70
N ALA B 5 5.39 26.41 -10.32
CA ALA B 5 5.32 25.02 -9.94
C ALA B 5 3.98 24.44 -10.33
N VAL B 6 3.96 23.11 -10.45
CA VAL B 6 2.74 22.40 -10.76
C VAL B 6 2.27 21.59 -9.57
N CYS B 7 0.99 21.69 -9.21
CA CYS B 7 0.40 20.86 -8.15
C CYS B 7 -0.50 19.82 -8.78
N PRO B 8 -0.08 18.55 -8.75
CA PRO B 8 -0.73 17.45 -9.47
C PRO B 8 -1.70 16.61 -8.64
N GLY B 9 -2.73 16.10 -9.28
CA GLY B 9 -3.61 15.20 -8.57
C GLY B 9 -4.82 14.89 -9.40
N SER B 10 -5.61 13.91 -8.95
CA SER B 10 -6.94 13.73 -9.50
C SER B 10 -7.93 14.70 -8.88
N PHE B 11 -7.75 15.03 -7.59
CA PHE B 11 -8.63 15.96 -6.88
C PHE B 11 -10.09 15.60 -7.08
N ASP B 12 -10.46 14.41 -6.61
CA ASP B 12 -11.77 13.84 -6.87
C ASP B 12 -12.54 13.54 -5.57
N PRO B 13 -13.00 14.58 -4.83
CA PRO B 13 -12.91 16.01 -5.12
C PRO B 13 -11.76 16.70 -4.41
N VAL B 14 -11.52 17.97 -4.75
CA VAL B 14 -10.54 18.79 -4.04
C VAL B 14 -10.97 18.95 -2.58
N THR B 15 -10.00 18.85 -1.68
CA THR B 15 -10.25 18.98 -0.26
C THR B 15 -9.57 20.22 0.28
N LEU B 16 -9.82 20.54 1.54
CA LEU B 16 -9.16 21.66 2.16
C LEU B 16 -7.66 21.37 2.36
N GLY B 17 -7.31 20.09 2.42
CA GLY B 17 -5.90 19.70 2.42
C GLY B 17 -5.23 20.14 1.13
N HIS B 18 -5.84 19.85 0.00
CA HIS B 18 -5.29 20.30 -1.26
C HIS B 18 -5.21 21.82 -1.34
N LEU B 19 -6.29 22.48 -0.93
CA LEU B 19 -6.42 23.93 -1.04
C LEU B 19 -5.33 24.61 -0.24
N ASP B 20 -5.09 24.12 0.97
CA ASP B 20 -4.03 24.66 1.83
C ASP B 20 -2.69 24.65 1.09
N VAL B 21 -2.38 23.53 0.46
CA VAL B 21 -1.12 23.45 -0.27
C VAL B 21 -1.14 24.35 -1.51
N PHE B 22 -2.27 24.39 -2.22
CA PHE B 22 -2.40 25.31 -3.35
C PHE B 22 -2.07 26.74 -2.94
N GLU B 23 -2.63 27.14 -1.82
CA GLU B 23 -2.45 28.49 -1.29
C GLU B 23 -1.00 28.73 -0.98
N ARG B 24 -0.33 27.75 -0.38
CA ARG B 24 1.05 27.97 -0.03
C ARG B 24 1.91 28.05 -1.28
N ALA B 25 1.63 27.19 -2.26
CA ALA B 25 2.35 27.22 -3.52
C ALA B 25 2.15 28.59 -4.18
N ALA B 26 0.91 29.07 -4.19
CA ALA B 26 0.60 30.32 -4.90
C ALA B 26 1.31 31.50 -4.21
N ALA B 27 1.51 31.36 -2.90
CA ALA B 27 2.16 32.40 -2.13
C ALA B 27 3.67 32.42 -2.38
N GLN B 28 4.21 31.30 -2.86
CA GLN B 28 5.67 31.16 -2.93
C GLN B 28 6.23 31.09 -4.35
N PHE B 29 5.36 30.90 -5.34
CA PHE B 29 5.79 30.87 -6.74
C PHE B 29 5.03 31.89 -7.57
N ASP B 30 5.66 32.41 -8.62
CA ASP B 30 5.01 33.43 -9.43
C ASP B 30 3.78 32.88 -10.12
N GLU B 31 3.86 31.62 -10.52
CA GLU B 31 2.79 30.97 -11.25
C GLU B 31 2.60 29.57 -10.70
N VAL B 32 1.36 29.14 -10.49
CA VAL B 32 1.07 27.78 -10.11
C VAL B 32 0.04 27.18 -11.05
N ILE B 33 0.28 25.97 -11.52
CA ILE B 33 -0.73 25.27 -12.29
C ILE B 33 -1.18 24.05 -11.52
N VAL B 34 -2.48 23.96 -11.27
CA VAL B 34 -3.03 22.75 -10.69
C VAL B 34 -3.31 21.82 -11.84
N ALA B 35 -2.68 20.66 -11.83
CA ALA B 35 -2.79 19.73 -12.94
C ALA B 35 -3.74 18.63 -12.55
N VAL B 36 -4.89 18.61 -13.23
CA VAL B 36 -5.96 17.71 -12.89
C VAL B 36 -5.93 16.52 -13.83
N LEU B 37 -5.72 15.33 -13.27
CA LEU B 37 -5.52 14.14 -14.07
C LEU B 37 -6.76 13.71 -14.82
N ILE B 38 -6.64 13.51 -16.12
CA ILE B 38 -7.67 12.76 -16.83
C ILE B 38 -7.19 11.31 -16.89
N ASN B 39 -8.02 10.41 -16.39
CA ASN B 39 -7.64 9.02 -16.27
C ASN B 39 -8.82 8.09 -16.50
N PRO B 40 -9.04 7.70 -17.77
CA PRO B 40 -10.14 6.84 -18.23
C PRO B 40 -10.29 5.55 -17.42
N ASN B 41 -9.17 4.98 -16.96
CA ASN B 41 -9.20 3.72 -16.24
C ASN B 41 -9.04 3.87 -14.74
N LYS B 42 -8.94 5.10 -14.27
CA LYS B 42 -9.00 5.36 -12.84
C LYS B 42 -10.44 5.66 -12.46
N ALA B 43 -11.02 4.80 -11.64
CA ALA B 43 -12.41 4.97 -11.22
C ALA B 43 -12.58 6.22 -10.37
N GLY B 44 -13.59 7.02 -10.68
CA GLY B 44 -13.80 8.28 -9.97
C GLY B 44 -15.25 8.73 -9.91
N MET B 45 -15.49 9.74 -9.07
CA MET B 45 -16.83 10.24 -8.82
C MET B 45 -17.17 11.46 -9.69
N PHE B 46 -16.22 12.37 -9.85
CA PHE B 46 -16.47 13.60 -10.59
C PHE B 46 -15.75 13.64 -11.93
N THR B 47 -16.41 14.23 -12.93
CA THR B 47 -15.78 14.38 -14.24
C THR B 47 -14.64 15.39 -14.14
N VAL B 48 -13.74 15.37 -15.12
CA VAL B 48 -12.64 16.32 -15.11
C VAL B 48 -13.14 17.76 -15.11
N ASP B 49 -14.21 18.04 -15.86
CA ASP B 49 -14.72 19.40 -15.87
C ASP B 49 -15.28 19.76 -14.51
N GLU B 50 -15.96 18.82 -13.85
CA GLU B 50 -16.48 19.08 -12.52
C GLU B 50 -15.33 19.32 -11.55
N ARG B 51 -14.28 18.51 -11.67
CA ARG B 51 -13.13 18.64 -10.76
C ARG B 51 -12.42 19.96 -10.96
N ILE B 52 -12.20 20.34 -12.22
CA ILE B 52 -11.62 21.65 -12.52
C ILE B 52 -12.48 22.78 -11.95
N GLU B 53 -13.81 22.66 -12.07
CA GLU B 53 -14.66 23.76 -11.63
C GLU B 53 -14.65 23.88 -10.12
N MET B 54 -14.62 22.75 -9.43
CA MET B 54 -14.54 22.75 -7.99
C MET B 54 -13.24 23.40 -7.51
N ILE B 55 -12.15 23.15 -8.21
CA ILE B 55 -10.87 23.76 -7.85
C ILE B 55 -10.89 25.27 -8.11
N ARG B 56 -11.42 25.64 -9.26
CA ARG B 56 -11.51 27.07 -9.60
C ARG B 56 -12.35 27.83 -8.60
N GLU B 57 -13.48 27.26 -8.17
CA GLU B 57 -14.29 27.91 -7.15
C GLU B 57 -13.46 28.11 -5.88
N SER B 58 -12.69 27.08 -5.52
CA SER B 58 -11.93 27.05 -4.27
C SER B 58 -10.75 28.00 -4.27
N THR B 59 -10.25 28.30 -5.47
CA THR B 59 -9.01 29.09 -5.61
C THR B 59 -9.28 30.42 -6.27
N ALA B 60 -10.50 30.91 -6.12
CA ALA B 60 -10.88 32.16 -6.77
C ALA B 60 -10.01 33.33 -6.33
N ASP B 61 -9.48 33.29 -5.12
CA ASP B 61 -8.69 34.43 -4.66
CA ASP B 61 -8.67 34.37 -4.57
C ASP B 61 -7.20 34.25 -4.95
N LEU B 62 -6.86 33.28 -5.80
CA LEU B 62 -5.46 33.05 -6.17
C LEU B 62 -5.23 33.37 -7.64
N PRO B 63 -4.88 34.62 -7.94
CA PRO B 63 -4.83 35.05 -9.34
C PRO B 63 -3.69 34.45 -10.12
N ASN B 64 -2.64 33.99 -9.44
CA ASN B 64 -1.49 33.41 -10.14
C ASN B 64 -1.56 31.90 -10.24
N LEU B 65 -2.70 31.32 -9.86
CA LEU B 65 -2.89 29.89 -9.95
C LEU B 65 -3.92 29.59 -11.04
N ARG B 66 -3.60 28.68 -11.94
CA ARG B 66 -4.60 28.27 -12.90
C ARG B 66 -4.75 26.76 -12.88
N VAL B 67 -5.89 26.30 -13.36
CA VAL B 67 -6.24 24.89 -13.29
C VAL B 67 -6.33 24.33 -14.70
N GLU B 68 -5.61 23.24 -14.96
CA GLU B 68 -5.60 22.62 -16.28
C GLU B 68 -5.68 21.10 -16.16
N SER B 69 -6.31 20.45 -17.13
CA SER B 69 -6.34 19.00 -17.18
C SER B 69 -5.07 18.47 -17.82
N GLY B 70 -4.72 17.24 -17.49
CA GLY B 70 -3.53 16.65 -18.04
C GLY B 70 -3.63 15.14 -18.05
N GLN B 71 -2.74 14.52 -18.79
CA GLN B 71 -2.74 13.09 -19.03
C GLN B 71 -1.29 12.64 -19.16
N GLY B 72 -1.02 11.36 -18.92
CA GLY B 72 0.31 10.83 -19.13
C GLY B 72 1.35 11.24 -18.10
N LEU B 73 2.58 11.43 -18.55
CA LEU B 73 3.72 11.69 -17.68
C LEU B 73 3.64 13.08 -17.07
N LEU B 74 3.63 13.16 -15.74
CA LEU B 74 3.55 14.46 -15.09
C LEU B 74 4.70 15.36 -15.52
N VAL B 75 5.91 14.81 -15.62
CA VAL B 75 7.05 15.66 -15.92
C VAL B 75 6.92 16.28 -17.30
N ASP B 76 6.22 15.62 -18.22
CA ASP B 76 6.00 16.23 -19.53
C ASP B 76 5.01 17.39 -19.41
N PHE B 77 3.96 17.20 -18.62
CA PHE B 77 3.01 18.29 -18.33
C PHE B 77 3.78 19.49 -17.79
N VAL B 78 4.66 19.23 -16.83
CA VAL B 78 5.44 20.29 -16.22
C VAL B 78 6.33 21.01 -17.23
N ARG B 79 7.12 20.23 -17.98
CA ARG B 79 8.11 20.80 -18.87
C ARG B 79 7.49 21.48 -20.09
N GLU B 80 6.34 20.98 -20.54
CA GLU B 80 5.59 21.59 -21.64
C GLU B 80 5.17 23.01 -21.32
N ARG B 81 5.00 23.31 -20.03
CA ARG B 81 4.60 24.64 -19.61
C ARG B 81 5.79 25.48 -19.17
N GLY B 82 6.99 24.99 -19.49
CA GLY B 82 8.20 25.76 -19.27
C GLY B 82 8.63 25.81 -17.81
N LEU B 83 8.11 24.87 -17.03
CA LEU B 83 8.43 24.80 -15.60
C LEU B 83 9.26 23.57 -15.31
N ASN B 84 9.76 23.48 -14.10
CA ASN B 84 10.47 22.24 -13.73
CA ASN B 84 10.66 22.44 -13.68
C ASN B 84 10.44 22.02 -12.22
N ALA B 85 9.30 22.36 -11.65
CA ALA B 85 9.02 22.10 -10.23
C ALA B 85 7.62 21.57 -10.04
N ILE B 86 7.52 20.57 -9.16
CA ILE B 86 6.27 20.02 -8.69
C ILE B 86 6.15 20.37 -7.22
N VAL B 87 4.97 20.81 -6.78
CA VAL B 87 4.72 21.00 -5.34
C VAL B 87 3.62 20.04 -4.97
N LYS B 88 3.92 19.14 -4.04
CA LYS B 88 2.96 18.13 -3.62
C LYS B 88 2.74 18.14 -2.13
N GLY B 89 1.50 17.94 -1.72
CA GLY B 89 1.17 17.92 -0.32
C GLY B 89 1.47 16.59 0.36
N LEU B 90 1.69 16.68 1.67
CA LEU B 90 1.81 15.51 2.54
C LEU B 90 0.68 15.54 3.56
N ARG B 91 0.02 14.40 3.73
CA ARG B 91 -1.02 14.29 4.74
C ARG B 91 -0.82 13.00 5.52
N THR B 92 -1.61 12.82 6.57
CA THR B 92 -1.61 11.55 7.28
C THR B 92 -2.15 10.48 6.35
N GLY B 93 -1.34 9.45 6.09
CA GLY B 93 -1.74 8.41 5.18
C GLY B 93 -1.07 8.54 3.83
N THR B 94 -0.28 9.59 3.67
CA THR B 94 0.53 9.73 2.47
C THR B 94 1.57 8.63 2.44
N ASP B 95 1.70 7.98 1.29
CA ASP B 95 2.74 6.96 1.13
C ASP B 95 4.02 7.69 0.79
N PHE B 96 4.73 8.16 1.81
CA PHE B 96 5.84 9.05 1.55
C PHE B 96 7.01 8.33 0.87
N GLU B 97 7.21 7.06 1.20
CA GLU B 97 8.27 6.30 0.54
C GLU B 97 8.03 6.25 -0.95
N TYR B 98 6.79 6.05 -1.36
CA TYR B 98 6.49 6.04 -2.79
C TYR B 98 6.63 7.44 -3.41
N GLU B 99 6.19 8.47 -2.69
CA GLU B 99 6.40 9.84 -3.14
C GLU B 99 7.87 10.11 -3.40
N LEU B 100 8.72 9.64 -2.49
CA LEU B 100 10.16 9.85 -2.64
C LEU B 100 10.67 9.15 -3.89
N GLN B 101 10.22 7.92 -4.08
CA GLN B 101 10.61 7.15 -5.24
C GLN B 101 10.25 7.89 -6.53
N MET B 102 9.01 8.36 -6.60
CA MET B 102 8.54 9.09 -7.78
C MET B 102 9.30 10.41 -7.94
N ALA B 103 9.59 11.08 -6.84
CA ALA B 103 10.34 12.32 -6.93
C ALA B 103 11.72 12.06 -7.52
N GLN B 104 12.39 11.02 -7.04
CA GLN B 104 13.70 10.71 -7.56
C GLN B 104 13.62 10.28 -9.02
N MET B 105 12.60 9.49 -9.37
CA MET B 105 12.39 9.11 -10.77
C MET B 105 12.14 10.33 -11.65
N ASN B 106 11.28 11.24 -11.17
CA ASN B 106 10.95 12.42 -11.95
C ASN B 106 12.13 13.36 -12.15
N LYS B 107 12.97 13.50 -11.12
CA LYS B 107 14.20 14.26 -11.29
C LYS B 107 15.13 13.57 -12.30
N HIS B 108 15.23 12.24 -12.24
CA HIS B 108 16.13 11.52 -13.12
C HIS B 108 15.73 11.63 -14.59
N ILE B 109 14.45 11.41 -14.88
CA ILE B 109 14.00 11.35 -16.27
C ILE B 109 13.78 12.71 -16.91
N ALA B 110 13.61 13.76 -16.11
CA ALA B 110 13.24 15.04 -16.72
C ALA B 110 13.84 16.27 -16.04
N GLY B 111 14.57 16.08 -14.95
CA GLY B 111 15.20 17.21 -14.28
C GLY B 111 14.22 18.05 -13.48
N VAL B 112 13.05 17.49 -13.21
CA VAL B 112 12.02 18.18 -12.45
C VAL B 112 12.16 17.94 -10.95
N ASP B 113 12.18 19.03 -10.18
CA ASP B 113 12.27 19.00 -8.72
C ASP B 113 10.89 18.84 -8.12
N THR B 114 10.82 18.15 -6.99
CA THR B 114 9.57 18.00 -6.28
C THR B 114 9.74 18.55 -4.89
N PHE B 115 8.90 19.52 -4.54
CA PHE B 115 8.90 20.09 -3.21
C PHE B 115 7.68 19.59 -2.48
N PHE B 116 7.88 19.08 -1.27
CA PHE B 116 6.79 18.55 -0.48
C PHE B 116 6.43 19.52 0.61
N VAL B 117 5.14 19.70 0.84
CA VAL B 117 4.64 20.56 1.91
C VAL B 117 3.59 19.83 2.70
N ALA B 118 3.74 19.79 4.02
CA ALA B 118 2.70 19.16 4.82
C ALA B 118 1.51 20.09 4.94
N THR B 119 0.32 19.54 4.75
CA THR B 119 -0.86 20.35 4.89
C THR B 119 -1.08 20.61 6.38
N ALA B 120 -1.88 21.62 6.69
CA ALA B 120 -2.13 22.00 8.06
C ALA B 120 -2.71 20.85 8.83
N PRO B 121 -2.42 20.78 10.13
CA PRO B 121 -2.93 19.67 10.96
C PRO B 121 -4.45 19.49 10.80
N ALA B 122 -5.20 20.59 10.78
CA ALA B 122 -6.66 20.51 10.65
C ALA B 122 -7.11 19.73 9.41
N TYR B 123 -6.30 19.76 8.36
CA TYR B 123 -6.68 19.16 7.10
C TYR B 123 -5.81 17.95 6.78
N SER B 124 -5.09 17.47 7.80
CA SER B 124 -4.10 16.41 7.58
C SER B 124 -4.68 15.00 7.46
N PHE B 125 -5.92 14.80 7.87
CA PHE B 125 -6.47 13.44 7.86
C PHE B 125 -7.57 13.27 6.82
N VAL B 126 -7.92 14.35 6.13
CA VAL B 126 -8.86 14.20 5.03
C VAL B 126 -8.08 13.71 3.80
N SER B 127 -8.74 12.90 2.97
CA SER B 127 -8.26 12.62 1.63
C SER B 127 -9.50 12.58 0.76
N SER B 128 -9.31 12.68 -0.56
CA SER B 128 -10.44 12.62 -1.48
C SER B 128 -11.20 11.32 -1.29
N SER B 129 -10.46 10.22 -1.25
CA SER B 129 -11.07 8.90 -1.12
CA SER B 129 -11.08 8.91 -1.12
C SER B 129 -11.78 8.74 0.22
N LEU B 130 -11.14 9.13 1.30
CA LEU B 130 -11.75 8.95 2.62
C LEU B 130 -12.94 9.90 2.79
N ALA B 131 -12.87 11.11 2.22
CA ALA B 131 -14.00 12.01 2.30
C ALA B 131 -15.23 11.40 1.61
N LYS B 132 -15.03 10.87 0.41
CA LYS B 132 -16.12 10.24 -0.33
C LYS B 132 -16.71 9.07 0.45
N GLU B 133 -15.84 8.21 1.00
CA GLU B 133 -16.30 7.04 1.73
C GLU B 133 -17.12 7.42 2.96
N VAL B 134 -16.61 8.36 3.75
CA VAL B 134 -17.33 8.81 4.92
C VAL B 134 -18.68 9.46 4.53
N ALA B 135 -18.66 10.30 3.51
CA ALA B 135 -19.89 11.00 3.09
C ALA B 135 -20.93 10.01 2.58
N THR B 136 -20.47 8.98 1.87
CA THR B 136 -21.33 7.95 1.33
C THR B 136 -22.19 7.31 2.43
N TYR B 137 -21.62 7.19 3.64
CA TYR B 137 -22.36 6.59 4.74
C TYR B 137 -22.88 7.63 5.72
N GLY B 138 -23.01 8.86 5.26
CA GLY B 138 -23.67 9.90 6.02
C GLY B 138 -22.81 10.59 7.06
N GLY B 139 -21.50 10.41 6.95
CA GLY B 139 -20.60 11.11 7.85
C GLY B 139 -20.39 12.54 7.41
N ASP B 140 -20.26 13.44 8.38
CA ASP B 140 -20.13 14.88 8.12
C ASP B 140 -18.68 15.31 7.89
N VAL B 141 -18.31 15.51 6.63
CA VAL B 141 -16.97 15.99 6.32
C VAL B 141 -16.99 17.42 5.83
N SER B 142 -18.00 18.18 6.23
CA SER B 142 -18.15 19.55 5.74
C SER B 142 -17.04 20.47 6.22
N ALA B 143 -16.42 20.15 7.36
CA ALA B 143 -15.34 20.98 7.88
C ALA B 143 -14.03 20.75 7.14
N LEU B 144 -14.02 19.76 6.26
CA LEU B 144 -12.78 19.32 5.63
C LEU B 144 -12.75 19.61 4.14
N LEU B 145 -13.86 20.11 3.62
CA LEU B 145 -14.00 20.38 2.19
C LEU B 145 -14.44 21.83 1.99
N PRO B 146 -14.06 22.42 0.84
CA PRO B 146 -14.68 23.69 0.47
C PRO B 146 -16.21 23.55 0.46
N ALA B 147 -16.91 24.64 0.78
CA ALA B 147 -18.37 24.57 0.90
C ALA B 147 -19.01 24.08 -0.39
N SER B 148 -18.53 24.59 -1.52
CA SER B 148 -19.10 24.25 -2.81
C SER B 148 -18.89 22.78 -3.15
N VAL B 149 -17.72 22.26 -2.75
CA VAL B 149 -17.43 20.85 -2.92
C VAL B 149 -18.39 19.99 -2.12
N HIS B 150 -18.61 20.37 -0.87
CA HIS B 150 -19.49 19.61 0.02
C HIS B 150 -20.89 19.50 -0.59
N GLN B 151 -21.39 20.64 -1.08
CA GLN B 151 -22.69 20.70 -1.74
C GLN B 151 -22.77 19.77 -2.96
N ARG B 152 -21.77 19.83 -3.83
CA ARG B 152 -21.71 18.95 -5.00
C ARG B 152 -21.64 17.48 -4.59
N LEU B 153 -20.95 17.20 -3.49
CA LEU B 153 -20.75 15.83 -3.04
C LEU B 153 -22.05 15.20 -2.58
N LEU B 154 -22.81 15.96 -1.78
CA LEU B 154 -24.13 15.53 -1.35
C LEU B 154 -25.02 15.31 -2.57
N GLY B 155 -24.81 16.14 -3.58
CA GLY B 155 -25.52 16.02 -4.84
C GLY B 155 -25.24 14.74 -5.59
N LYS B 156 -23.98 14.31 -5.62
CA LYS B 156 -23.63 13.08 -6.35
C LYS B 156 -24.12 11.85 -5.60
N LEU B 157 -24.27 11.97 -4.30
CA LEU B 157 -24.69 10.84 -3.47
C LEU B 157 -26.21 10.66 -3.47
N ARG B 158 -26.96 11.69 -3.85
CA ARG B 158 -28.42 11.60 -3.85
C ARG B 158 -28.91 10.65 -4.95
N MET C 2 -19.11 1.66 33.43
CA MET C 2 -19.70 1.10 32.22
C MET C 2 -18.81 1.37 31.00
N THR C 3 -17.56 0.95 31.07
CA THR C 3 -16.62 1.21 29.98
C THR C 3 -16.78 0.17 28.87
N GLY C 4 -16.32 0.51 27.68
CA GLY C 4 -16.46 -0.41 26.58
C GLY C 4 -15.67 -0.02 25.35
N ALA C 5 -15.28 -1.01 24.57
CA ALA C 5 -14.56 -0.75 23.33
C ALA C 5 -14.98 -1.73 22.26
N VAL C 6 -14.77 -1.34 21.01
CA VAL C 6 -15.06 -2.18 19.87
C VAL C 6 -13.78 -2.56 19.15
N CYS C 7 -13.63 -3.85 18.87
CA CYS C 7 -12.52 -4.38 18.07
CA CYS C 7 -12.51 -4.37 18.06
C CYS C 7 -13.01 -4.77 16.68
N PRO C 8 -12.65 -3.98 15.67
CA PRO C 8 -13.21 -4.15 14.33
C PRO C 8 -12.31 -4.91 13.37
N GLY C 9 -12.93 -5.63 12.43
CA GLY C 9 -12.18 -6.24 11.36
C GLY C 9 -13.04 -7.14 10.51
N SER C 10 -12.46 -7.66 9.43
CA SER C 10 -13.11 -8.73 8.68
C SER C 10 -12.89 -10.06 9.38
N PHE C 11 -11.71 -10.23 9.99
CA PHE C 11 -11.34 -11.46 10.68
C PHE C 11 -11.61 -12.70 9.85
N ASP C 12 -10.92 -12.78 8.71
CA ASP C 12 -11.18 -13.79 7.70
C ASP C 12 -9.95 -14.64 7.41
N PRO C 13 -9.59 -15.53 8.34
CA PRO C 13 -10.26 -15.80 9.61
C PRO C 13 -9.57 -15.09 10.78
N VAL C 14 -10.17 -15.18 11.96
CA VAL C 14 -9.55 -14.68 13.19
C VAL C 14 -8.24 -15.43 13.45
N THR C 15 -7.20 -14.69 13.82
CA THR C 15 -5.89 -15.24 14.11
C THR C 15 -5.60 -15.09 15.59
N LEU C 16 -4.51 -15.69 16.04
CA LEU C 16 -4.08 -15.53 17.42
C LEU C 16 -3.64 -14.08 17.69
N GLY C 17 -3.21 -13.36 16.66
CA GLY C 17 -2.89 -11.96 16.84
C GLY C 17 -4.13 -11.19 17.22
N HIS C 18 -5.23 -11.47 16.51
CA HIS C 18 -6.51 -10.86 16.83
C HIS C 18 -6.95 -11.24 18.25
N LEU C 19 -6.87 -12.54 18.55
CA LEU C 19 -7.34 -13.05 19.84
C LEU C 19 -6.60 -12.41 20.99
N ASP C 20 -5.28 -12.26 20.85
CA ASP C 20 -4.45 -11.65 21.87
C ASP C 20 -4.99 -10.25 22.19
N VAL C 21 -5.30 -9.50 21.15
CA VAL C 21 -5.80 -8.15 21.36
C VAL C 21 -7.21 -8.16 21.96
N PHE C 22 -8.07 -9.06 21.49
CA PHE C 22 -9.39 -9.24 22.10
C PHE C 22 -9.28 -9.46 23.60
N GLU C 23 -8.36 -10.34 23.98
CA GLU C 23 -8.18 -10.69 25.37
C GLU C 23 -7.69 -9.51 26.18
N ARG C 24 -6.81 -8.69 25.61
CA ARG C 24 -6.34 -7.51 26.31
C ARG C 24 -7.46 -6.49 26.46
N ALA C 25 -8.20 -6.26 25.39
CA ALA C 25 -9.34 -5.35 25.43
C ALA C 25 -10.37 -5.83 26.46
N ALA C 26 -10.65 -7.14 26.45
CA ALA C 26 -11.60 -7.70 27.41
C ALA C 26 -11.10 -7.55 28.84
N ALA C 27 -9.79 -7.56 29.03
CA ALA C 27 -9.19 -7.39 30.35
C ALA C 27 -9.21 -5.94 30.86
N GLN C 28 -9.36 -4.98 29.95
CA GLN C 28 -9.17 -3.58 30.32
C GLN C 28 -10.44 -2.74 30.19
N PHE C 29 -11.47 -3.32 29.57
CA PHE C 29 -12.74 -2.62 29.41
C PHE C 29 -13.85 -3.49 29.96
N ASP C 30 -14.89 -2.88 30.52
CA ASP C 30 -15.98 -3.69 31.08
C ASP C 30 -16.67 -4.51 30.01
N GLU C 31 -16.76 -3.95 28.81
CA GLU C 31 -17.52 -4.53 27.73
C GLU C 31 -16.73 -4.44 26.43
N VAL C 32 -16.65 -5.54 25.69
CA VAL C 32 -15.99 -5.50 24.38
C VAL C 32 -16.91 -6.09 23.32
N ILE C 33 -17.00 -5.40 22.19
CA ILE C 33 -17.71 -5.91 21.05
C ILE C 33 -16.73 -6.11 19.91
N VAL C 34 -16.67 -7.34 19.41
CA VAL C 34 -15.91 -7.59 18.20
C VAL C 34 -16.83 -7.33 17.02
N ALA C 35 -16.48 -6.33 16.22
CA ALA C 35 -17.28 -5.93 15.07
C ALA C 35 -16.77 -6.61 13.81
N VAL C 36 -17.60 -7.49 13.25
CA VAL C 36 -17.23 -8.26 12.09
C VAL C 36 -17.85 -7.67 10.84
N LEU C 37 -17.01 -7.21 9.92
CA LEU C 37 -17.48 -6.54 8.72
C LEU C 37 -18.24 -7.44 7.77
N ILE C 38 -19.40 -6.97 7.31
CA ILE C 38 -20.06 -7.53 6.14
C ILE C 38 -19.71 -6.66 4.94
N ASN C 39 -19.06 -7.24 3.93
CA ASN C 39 -18.57 -6.44 2.80
C ASN C 39 -18.31 -7.23 1.53
N PRO C 40 -19.08 -8.30 1.30
CA PRO C 40 -18.99 -9.09 0.06
C PRO C 40 -19.56 -8.32 -1.12
N ALA C 43 -13.83 -9.49 -1.03
CA ALA C 43 -14.11 -10.86 -1.47
C ALA C 43 -13.25 -11.86 -0.70
N GLY C 44 -13.84 -12.58 0.24
CA GLY C 44 -13.06 -13.35 1.19
C GLY C 44 -13.28 -14.86 1.17
N MET C 45 -12.80 -15.52 2.23
CA MET C 45 -12.83 -16.97 2.31
C MET C 45 -14.01 -17.50 3.11
N PHE C 46 -14.27 -16.87 4.26
CA PHE C 46 -15.33 -17.34 5.14
C PHE C 46 -16.53 -16.42 5.13
N THR C 47 -17.72 -17.00 5.30
CA THR C 47 -18.93 -16.19 5.39
C THR C 47 -18.96 -15.47 6.72
N VAL C 48 -19.84 -14.48 6.84
CA VAL C 48 -19.91 -13.74 8.09
C VAL C 48 -20.25 -14.65 9.26
N ASP C 49 -21.21 -15.55 9.06
CA ASP C 49 -21.58 -16.48 10.12
C ASP C 49 -20.40 -17.33 10.57
N GLU C 50 -19.63 -17.82 9.61
CA GLU C 50 -18.46 -18.65 9.92
C GLU C 50 -17.42 -17.84 10.69
N ARG C 51 -17.19 -16.62 10.23
CA ARG C 51 -16.21 -15.75 10.88
C ARG C 51 -16.65 -15.41 12.29
N ILE C 52 -17.96 -15.19 12.47
CA ILE C 52 -18.48 -14.95 13.82
C ILE C 52 -18.33 -16.19 14.69
N GLU C 53 -18.67 -17.35 14.14
CA GLU C 53 -18.54 -18.60 14.86
C GLU C 53 -17.12 -18.82 15.36
N MET C 54 -16.14 -18.64 14.47
CA MET C 54 -14.74 -18.86 14.83
C MET C 54 -14.29 -17.95 15.95
N ILE C 55 -14.76 -16.70 15.94
CA ILE C 55 -14.39 -15.78 17.01
C ILE C 55 -15.07 -16.17 18.32
N ARG C 56 -16.36 -16.49 18.23
CA ARG C 56 -17.11 -16.91 19.42
C ARG C 56 -16.48 -18.17 20.03
N GLU C 57 -16.12 -19.12 19.18
CA GLU C 57 -15.46 -20.33 19.63
C GLU C 57 -14.16 -20.02 20.36
N SER C 58 -13.42 -19.05 19.84
CA SER C 58 -12.09 -18.75 20.36
C SER C 58 -12.13 -17.83 21.58
N THR C 59 -13.27 -17.21 21.84
CA THR C 59 -13.36 -16.26 22.95
C THR C 59 -14.34 -16.69 24.04
N ALA C 60 -14.59 -17.99 24.15
CA ALA C 60 -15.61 -18.49 25.07
C ALA C 60 -15.28 -18.21 26.53
N ASP C 61 -13.99 -18.05 26.83
CA ASP C 61 -13.57 -17.73 28.18
C ASP C 61 -13.49 -16.23 28.42
N LEU C 62 -14.07 -15.45 27.51
CA LEU C 62 -14.18 -13.99 27.69
C LEU C 62 -15.65 -13.62 27.81
N PRO C 63 -16.17 -13.62 29.06
CA PRO C 63 -17.58 -13.41 29.36
C PRO C 63 -18.10 -12.05 28.93
N ASN C 64 -17.24 -11.03 28.97
CA ASN C 64 -17.65 -9.67 28.69
C ASN C 64 -17.42 -9.25 27.25
N LEU C 65 -17.13 -10.22 26.39
CA LEU C 65 -16.95 -9.94 24.97
C LEU C 65 -18.07 -10.57 24.17
N ARG C 66 -18.63 -9.81 23.24
CA ARG C 66 -19.59 -10.39 22.33
C ARG C 66 -19.18 -10.08 20.89
N VAL C 67 -19.79 -10.79 19.96
CA VAL C 67 -19.40 -10.73 18.56
C VAL C 67 -20.63 -10.42 17.75
N GLU C 68 -20.52 -9.39 16.92
CA GLU C 68 -21.64 -8.92 16.14
C GLU C 68 -21.15 -8.46 14.78
N SER C 69 -21.96 -8.72 13.75
CA SER C 69 -21.61 -8.25 12.42
C SER C 69 -22.03 -6.81 12.25
N GLY C 70 -21.45 -6.13 11.27
CA GLY C 70 -21.81 -4.75 11.01
C GLY C 70 -21.37 -4.35 9.62
N GLN C 71 -21.86 -3.21 9.15
CA GLN C 71 -21.43 -2.69 7.86
C GLN C 71 -21.50 -1.18 7.93
N GLY C 72 -21.04 -0.50 6.88
CA GLY C 72 -21.04 0.95 6.87
C GLY C 72 -19.95 1.53 7.76
N LEU C 73 -20.15 2.75 8.24
CA LEU C 73 -19.15 3.42 9.08
C LEU C 73 -18.95 2.72 10.41
N LEU C 74 -17.71 2.43 10.74
CA LEU C 74 -17.40 1.85 12.03
C LEU C 74 -17.87 2.73 13.19
N VAL C 75 -17.72 4.04 13.07
CA VAL C 75 -18.10 4.90 14.19
C VAL C 75 -19.58 4.79 14.47
N ASP C 76 -20.38 4.53 13.45
CA ASP C 76 -21.82 4.36 13.66
C ASP C 76 -22.09 3.08 14.42
N PHE C 77 -21.39 2.01 14.04
CA PHE C 77 -21.46 0.77 14.79
C PHE C 77 -21.14 0.97 16.26
N VAL C 78 -20.07 1.71 16.53
CA VAL C 78 -19.62 1.96 17.89
C VAL C 78 -20.63 2.81 18.67
N ARG C 79 -21.03 3.94 18.09
CA ARG C 79 -21.92 4.88 18.76
C ARG C 79 -23.32 4.29 18.98
N GLU C 80 -23.81 3.49 18.03
CA GLU C 80 -25.14 2.88 18.17
C GLU C 80 -25.20 1.87 19.32
N ARG C 81 -24.05 1.52 19.86
CA ARG C 81 -23.98 0.64 21.03
C ARG C 81 -23.58 1.36 22.30
N GLY C 82 -23.63 2.69 22.25
CA GLY C 82 -23.41 3.53 23.42
C GLY C 82 -21.94 3.70 23.78
N LEU C 83 -21.07 3.31 22.85
CA LEU C 83 -19.65 3.41 23.10
C LEU C 83 -19.00 4.46 22.22
N ASN C 84 -17.76 4.80 22.54
CA ASN C 84 -16.97 5.70 21.69
C ASN C 84 -15.48 5.41 21.81
N ALA C 85 -15.16 4.12 21.89
CA ALA C 85 -13.78 3.69 21.85
C ALA C 85 -13.64 2.49 20.91
N ILE C 86 -12.59 2.54 20.11
CA ILE C 86 -12.16 1.44 19.25
C ILE C 86 -10.83 0.93 19.80
N VAL C 87 -10.67 -0.38 19.89
CA VAL C 87 -9.35 -0.92 20.21
C VAL C 87 -8.90 -1.68 18.99
N LYS C 88 -7.74 -1.29 18.46
CA LYS C 88 -7.25 -1.89 17.24
C LYS C 88 -5.83 -2.43 17.44
N GLY C 89 -5.57 -3.62 16.91
CA GLY C 89 -4.26 -4.21 17.07
C GLY C 89 -3.24 -3.69 16.06
N LEU C 90 -1.97 -3.78 16.43
CA LEU C 90 -0.86 -3.50 15.53
C LEU C 90 -0.07 -4.77 15.35
N ARG C 91 0.26 -5.06 14.10
CA ARG C 91 1.14 -6.19 13.80
C ARG C 91 2.22 -5.68 12.86
N THR C 92 3.11 -6.57 12.44
CA THR C 92 4.26 -6.18 11.65
C THR C 92 3.91 -5.45 10.34
N GLY C 93 2.97 -6.00 9.58
CA GLY C 93 2.61 -5.37 8.31
C GLY C 93 1.50 -4.34 8.37
N THR C 94 1.16 -3.87 9.56
CA THR C 94 0.10 -2.88 9.72
C THR C 94 0.47 -1.59 9.00
N ASP C 95 -0.46 -1.04 8.23
CA ASP C 95 -0.28 0.27 7.62
C ASP C 95 -0.65 1.30 8.67
N PHE C 96 0.31 1.65 9.51
CA PHE C 96 -0.03 2.48 10.65
C PHE C 96 -0.39 3.91 10.27
N GLU C 97 0.21 4.41 9.19
CA GLU C 97 -0.13 5.75 8.71
C GLU C 97 -1.60 5.83 8.33
N TYR C 98 -2.10 4.79 7.67
CA TYR C 98 -3.50 4.78 7.32
C TYR C 98 -4.36 4.64 8.56
N GLU C 99 -3.92 3.78 9.49
CA GLU C 99 -4.65 3.67 10.76
C GLU C 99 -4.75 5.02 11.45
N LEU C 100 -3.66 5.79 11.46
CA LEU C 100 -3.69 7.09 12.12
C LEU C 100 -4.64 8.00 11.40
N GLN C 101 -4.65 7.93 10.08
CA GLN C 101 -5.55 8.80 9.31
C GLN C 101 -7.00 8.48 9.67
N MET C 102 -7.32 7.19 9.70
CA MET C 102 -8.68 6.79 10.03
C MET C 102 -9.02 7.13 11.47
N ALA C 103 -8.05 7.01 12.37
CA ALA C 103 -8.30 7.33 13.78
C ALA C 103 -8.64 8.81 13.93
N GLN C 104 -7.90 9.67 13.24
CA GLN C 104 -8.20 11.09 13.34
C GLN C 104 -9.53 11.44 12.69
N MET C 105 -9.84 10.78 11.57
CA MET C 105 -11.12 11.00 10.92
C MET C 105 -12.26 10.53 11.81
N ASN C 106 -12.10 9.35 12.43
CA ASN C 106 -13.16 8.81 13.27
C ASN C 106 -13.42 9.66 14.52
N LYS C 107 -12.36 10.26 15.06
CA LYS C 107 -12.50 11.19 16.17
C LYS C 107 -13.22 12.43 15.69
N HIS C 108 -12.85 12.92 14.52
CA HIS C 108 -13.44 14.14 14.00
C HIS C 108 -14.93 14.01 13.75
N ILE C 109 -15.34 12.94 13.10
CA ILE C 109 -16.73 12.85 12.67
C ILE C 109 -17.65 12.33 13.75
N ALA C 110 -17.11 11.70 14.80
CA ALA C 110 -18.00 11.02 15.73
C ALA C 110 -17.52 11.01 17.19
N GLY C 111 -16.37 11.63 17.44
CA GLY C 111 -15.85 11.73 18.81
C GLY C 111 -15.44 10.39 19.39
N VAL C 112 -15.15 9.45 18.50
CA VAL C 112 -14.70 8.11 18.93
C VAL C 112 -13.19 8.05 18.97
N ASP C 113 -12.66 7.58 20.11
CA ASP C 113 -11.23 7.39 20.32
C ASP C 113 -10.79 6.05 19.76
N THR C 114 -9.58 5.99 19.25
CA THR C 114 -8.99 4.72 18.84
C THR C 114 -7.74 4.45 19.67
N PHE C 115 -7.73 3.30 20.33
CA PHE C 115 -6.58 2.90 21.11
C PHE C 115 -5.87 1.79 20.36
N PHE C 116 -4.58 1.95 20.12
CA PHE C 116 -3.83 0.93 19.40
C PHE C 116 -3.02 0.11 20.38
N VAL C 117 -3.00 -1.20 20.19
CA VAL C 117 -2.17 -2.05 21.04
C VAL C 117 -1.44 -3.05 20.16
N ALA C 118 -0.14 -3.17 20.38
CA ALA C 118 0.66 -4.13 19.62
C ALA C 118 0.36 -5.55 20.07
N THR C 119 0.12 -6.43 19.11
CA THR C 119 -0.11 -7.81 19.47
C THR C 119 1.20 -8.46 19.92
N ALA C 120 1.12 -9.61 20.60
CA ALA C 120 2.31 -10.29 21.10
C ALA C 120 3.30 -10.57 19.98
N PRO C 121 4.60 -10.46 20.28
CA PRO C 121 5.63 -10.78 19.28
C PRO C 121 5.37 -12.10 18.55
N ALA C 122 4.99 -13.15 19.29
CA ALA C 122 4.77 -14.47 18.68
C ALA C 122 3.67 -14.43 17.61
N TYR C 123 2.74 -13.48 17.74
CA TYR C 123 1.62 -13.41 16.81
C TYR C 123 1.73 -12.17 15.92
N SER C 124 2.90 -11.57 15.88
CA SER C 124 3.06 -10.26 15.23
C SER C 124 3.26 -10.33 13.73
N PHE C 125 3.51 -11.53 13.19
CA PHE C 125 3.73 -11.62 11.75
C PHE C 125 2.64 -12.40 11.02
N VAL C 126 1.67 -12.91 11.78
CA VAL C 126 0.53 -13.52 11.14
C VAL C 126 -0.46 -12.41 10.79
N SER C 127 -1.15 -12.59 9.67
CA SER C 127 -2.30 -11.79 9.31
C SER C 127 -3.28 -12.77 8.68
N SER C 128 -4.54 -12.37 8.60
CA SER C 128 -5.53 -13.26 7.99
C SER C 128 -5.13 -13.63 6.57
N SER C 129 -4.70 -12.62 5.80
CA SER C 129 -4.34 -12.84 4.41
CA SER C 129 -4.35 -12.84 4.40
C SER C 129 -3.10 -13.71 4.27
N LEU C 130 -2.06 -13.40 5.03
CA LEU C 130 -0.83 -14.19 4.91
C LEU C 130 -1.04 -15.62 5.41
N ALA C 131 -1.86 -15.80 6.45
CA ALA C 131 -2.16 -17.14 6.94
C ALA C 131 -2.84 -17.98 5.85
N LYS C 132 -3.83 -17.38 5.17
CA LYS C 132 -4.54 -18.05 4.10
C LYS C 132 -3.60 -18.42 2.96
N GLU C 133 -2.80 -17.46 2.53
CA GLU C 133 -1.82 -17.64 1.46
C GLU C 133 -0.85 -18.78 1.76
N VAL C 134 -0.24 -18.74 2.93
CA VAL C 134 0.70 -19.77 3.33
C VAL C 134 0.02 -21.14 3.41
N ALA C 135 -1.14 -21.19 4.05
CA ALA C 135 -1.85 -22.48 4.22
C ALA C 135 -2.26 -23.05 2.88
N THR C 136 -2.63 -22.15 1.96
CA THR C 136 -3.03 -22.53 0.61
C THR C 136 -1.94 -23.36 -0.06
N TYR C 137 -0.70 -22.95 0.18
CA TYR C 137 0.45 -23.59 -0.45
C TYR C 137 1.12 -24.62 0.45
N GLY C 138 0.38 -25.12 1.43
CA GLY C 138 0.84 -26.21 2.26
C GLY C 138 1.65 -25.85 3.48
N GLY C 139 1.85 -24.56 3.73
CA GLY C 139 2.61 -24.15 4.88
C GLY C 139 1.83 -24.31 6.17
N ASP C 140 2.54 -24.64 7.24
CA ASP C 140 1.93 -24.91 8.53
C ASP C 140 1.77 -23.65 9.37
N VAL C 141 0.53 -23.18 9.48
CA VAL C 141 0.23 -22.00 10.29
C VAL C 141 -0.56 -22.34 11.55
N SER C 142 -0.48 -23.60 11.97
CA SER C 142 -1.28 -24.08 13.10
C SER C 142 -0.91 -23.40 14.42
N ALA C 143 0.33 -22.94 14.54
CA ALA C 143 0.78 -22.29 15.77
C ALA C 143 0.26 -20.84 15.86
N LEU C 144 -0.42 -20.40 14.81
CA LEU C 144 -0.73 -18.97 14.62
C LEU C 144 -2.22 -18.71 14.61
N LEU C 145 -3.01 -19.78 14.65
CA LEU C 145 -4.46 -19.69 14.60
C LEU C 145 -5.07 -20.47 15.75
N PRO C 146 -6.27 -20.08 16.19
CA PRO C 146 -6.97 -20.91 17.17
C PRO C 146 -7.18 -22.31 16.59
N ALA C 147 -7.08 -23.35 17.40
CA ALA C 147 -7.12 -24.74 16.91
C ALA C 147 -8.35 -24.98 16.05
N SER C 148 -9.46 -24.36 16.45
CA SER C 148 -10.70 -24.51 15.72
C SER C 148 -10.59 -23.92 14.32
N VAL C 149 -10.14 -22.66 14.25
CA VAL C 149 -9.94 -21.99 12.98
C VAL C 149 -9.06 -22.80 12.03
N HIS C 150 -7.94 -23.27 12.55
CA HIS C 150 -7.00 -24.04 11.75
C HIS C 150 -7.68 -25.23 11.06
N GLN C 151 -8.46 -25.99 11.82
CA GLN C 151 -9.20 -27.10 11.25
C GLN C 151 -10.22 -26.64 10.20
N ARG C 152 -10.91 -25.55 10.50
CA ARG C 152 -11.87 -24.99 9.55
C ARG C 152 -11.20 -24.54 8.24
N LEU C 153 -9.99 -23.98 8.35
CA LEU C 153 -9.26 -23.51 7.18
C LEU C 153 -8.87 -24.68 6.27
N LEU C 154 -8.33 -25.73 6.87
CA LEU C 154 -7.98 -26.93 6.13
C LEU C 154 -9.19 -27.44 5.38
N GLY C 155 -10.36 -27.35 6.01
CA GLY C 155 -11.61 -27.74 5.39
C GLY C 155 -11.95 -26.94 4.14
N LYS C 156 -11.71 -25.64 4.17
CA LYS C 156 -11.98 -24.80 3.00
C LYS C 156 -11.02 -25.12 1.86
N LEU C 157 -9.78 -25.40 2.21
CA LEU C 157 -8.76 -25.65 1.21
C LEU C 157 -8.95 -27.03 0.59
N ARG C 158 -9.14 -28.02 1.45
CA ARG C 158 -9.31 -29.40 1.01
C ARG C 158 -10.78 -29.76 0.84
C10 VJ7 D . -0.57 14.02 -15.47
C13 VJ7 D . -1.30 15.06 -12.94
C15 VJ7 D . -2.71 12.20 -9.93
C17 VJ7 D . -2.24 13.13 -5.52
C21 VJ7 D . -2.04 15.39 -1.48
C22 VJ7 D . -2.19 16.68 -0.99
C24 VJ7 D . -1.84 17.59 -2.05
C26 VJ7 D . -1.37 19.54 -3.41
C28 VJ7 D . -1.06 17.34 -4.34
O01 VJ7 D . -2.53 10.28 -6.64
S02 VJ7 D . -3.12 11.44 -7.31
C03 VJ7 D . -2.12 12.02 -8.70
C04 VJ7 D . -0.76 12.31 -8.52
C05 VJ7 D . 0.00 12.78 -9.58
C06 VJ7 D . -0.59 12.97 -10.84
O07 VJ7 D . 0.24 13.44 -11.90
C08 VJ7 D . -0.39 14.00 -13.03
C09 VJ7 D . -0.02 13.50 -14.31
C11 VJ7 D . -1.49 15.07 -15.37
C12 VJ7 D . -1.87 15.58 -14.10
C14 VJ7 D . -1.93 12.67 -11.04
N16 VJ7 D . -3.35 12.70 -6.29
C18 VJ7 D . -2.48 14.32 -4.61
C19 VJ7 D . -1.30 14.41 -3.60
N20 VJ7 D . -1.61 15.50 -2.72
C23 VJ7 D . -2.66 17.06 0.39
C25 VJ7 D . -1.78 18.98 -2.21
C27 VJ7 D . -1.01 18.72 -4.48
C29 VJ7 D . -1.48 16.79 -3.12
O30 VJ7 D . -1.11 12.57 -5.58
O31 VJ7 D . -4.42 11.00 -7.74
C10 VJ7 E . -17.27 -3.75 11.35
C13 VJ7 E . -16.82 -1.30 10.05
C15 VJ7 E . -12.62 -4.21 8.58
C17 VJ7 E . -8.47 -5.05 10.45
C21 VJ7 E . -8.02 -5.52 14.61
C22 VJ7 E . -7.68 -6.20 15.79
C24 VJ7 E . -6.36 -6.69 15.63
C26 VJ7 E . -4.21 -7.78 15.93
C28 VJ7 E . -4.69 -6.63 13.86
O01 VJ7 E . -8.97 -4.10 7.55
S02 VJ7 E . -9.96 -4.90 8.24
C03 VJ7 E . -11.30 -3.87 8.88
C04 VJ7 E . -11.03 -2.74 9.69
C05 VJ7 E . -12.09 -1.96 10.17
C06 VJ7 E . -13.43 -2.30 9.87
O07 VJ7 E . -14.46 -1.46 10.41
C08 VJ7 E . -15.73 -2.02 10.54
C09 VJ7 E . -15.97 -3.25 11.23
C11 VJ7 E . -18.33 -3.03 10.85
C12 VJ7 E . -18.12 -1.78 10.17
C14 VJ7 E . -13.70 -3.41 9.08
N16 VJ7 E . -9.27 -5.75 9.49
C18 VJ7 E . -7.85 -5.89 11.57
C19 VJ7 E . -6.93 -5.02 12.48
N20 VJ7 E . -6.99 -5.59 13.80
C23 VJ7 E . -8.57 -6.36 16.99
C25 VJ7 E . -5.47 -7.45 16.42
C27 VJ7 E . -3.81 -7.37 14.64
C29 VJ7 E . -5.96 -6.30 14.36
O30 VJ7 E . -8.29 -3.81 10.37
O31 VJ7 E . -10.42 -5.80 7.23
#